data_6FNN
#
_entry.id   6FNN
#
_cell.length_a   84.674
_cell.length_b   94.571
_cell.length_c   170.855
_cell.angle_alpha   90.00
_cell.angle_beta   90.00
_cell.angle_gamma   90.00
#
_symmetry.space_group_name_H-M   'C 2 2 21'
#
loop_
_entity.id
_entity.type
_entity.pdbx_description
1 polymer '26S proteasome regulatory subunit N11-like protein'
2 polymer 'Ubiquitin-like protein'
3 non-polymer 'ZINC ION'
4 non-polymer 'SULFATE ION'
5 water water
#
loop_
_entity_poly.entity_id
_entity_poly.type
_entity_poly.pdbx_seq_one_letter_code
_entity_poly.pdbx_strand_id
1 'polypeptide(L)'
;GHMASATARVRIYPLALAKVVKHAASSLQREVAGLLVGKSAGKVLEIWDAVTGEQYGTPAYVQLDEMVMAKVAEELSKSD
KNLYIVGWYHSHPGLDVFLSPTDIDTQKRYQAMFSKAVALVVDPVDYAKTRRISSLKFKVFQISKEGRVVSLPVS
;
A,B
2 'polypeptide(L)'
;MKHHHHHHPMSDYDIPTTENLYFQGHMKIKIVPAVGGGSPLELEVAPNATVGAVRTKVCAMKKLPPDTTRLTYKGRALKD
TETLESLGVADGDKFVLITRTVGG
;
C,D
#
loop_
_chem_comp.id
_chem_comp.type
_chem_comp.name
_chem_comp.formula
SO4 non-polymer 'SULFATE ION' 'O4 S -2'
ZN non-polymer 'ZINC ION' 'Zn 2'
#
# COMPACT_ATOMS: atom_id res chain seq x y z
N ALA A 4 9.72 25.67 -17.43
CA ALA A 4 8.96 25.97 -16.20
C ALA A 4 9.68 25.47 -14.95
N SER A 5 10.00 24.18 -14.91
CA SER A 5 10.53 23.56 -13.72
C SER A 5 11.67 22.59 -14.06
N ALA A 6 12.51 22.29 -13.07
CA ALA A 6 13.67 21.43 -13.29
C ALA A 6 13.32 19.99 -13.72
N THR A 7 12.20 19.49 -13.21
CA THR A 7 11.73 18.13 -13.53
C THR A 7 10.50 18.24 -14.42
N ALA A 8 10.51 17.52 -15.54
CA ALA A 8 9.40 17.56 -16.47
C ALA A 8 8.25 16.66 -16.03
N ARG A 9 8.57 15.49 -15.50
CA ARG A 9 7.53 14.55 -15.05
C ARG A 9 8.16 13.51 -14.16
N VAL A 10 7.31 12.78 -13.45
CA VAL A 10 7.72 11.89 -12.43
C VAL A 10 7.13 10.52 -12.73
N ARG A 11 7.96 9.50 -12.58
CA ARG A 11 7.55 8.11 -12.74
C ARG A 11 7.75 7.42 -11.42
N ILE A 12 6.68 6.87 -10.85
CA ILE A 12 6.75 6.27 -9.52
CA ILE A 12 6.81 6.27 -9.54
C ILE A 12 6.52 4.78 -9.64
N TYR A 13 7.46 3.98 -9.15
CA TYR A 13 7.26 2.55 -9.16
C TYR A 13 6.03 2.24 -8.31
N PRO A 14 5.13 1.37 -8.81
CA PRO A 14 3.89 1.19 -8.07
C PRO A 14 4.08 0.77 -6.61
N LEU A 15 5.02 -0.12 -6.33
CA LEU A 15 5.27 -0.51 -4.95
C LEU A 15 5.77 0.64 -4.06
N ALA A 16 6.52 1.56 -4.64
CA ALA A 16 6.96 2.73 -3.88
C ALA A 16 5.76 3.59 -3.49
N LEU A 17 4.87 3.82 -4.45
CA LEU A 17 3.62 4.55 -4.16
C LEU A 17 2.80 3.81 -3.11
N ALA A 18 2.68 2.48 -3.26
CA ALA A 18 1.92 1.66 -2.33
C ALA A 18 2.48 1.79 -0.90
N LYS A 19 3.81 1.85 -0.78
CA LYS A 19 4.46 1.99 0.53
C LYS A 19 4.12 3.34 1.20
N VAL A 20 4.10 4.39 0.41
CA VAL A 20 3.69 5.71 0.86
C VAL A 20 2.24 5.73 1.32
N VAL A 21 1.35 5.13 0.53
CA VAL A 21 -0.06 5.15 0.83
C VAL A 21 -0.35 4.33 2.07
N LYS A 22 0.32 3.19 2.20
CA LYS A 22 0.12 2.35 3.38
C LYS A 22 0.66 3.00 4.65
N HIS A 23 1.81 3.64 4.54
CA HIS A 23 2.35 4.38 5.66
C HIS A 23 1.36 5.46 6.15
N ALA A 24 0.88 6.26 5.22
CA ALA A 24 -0.10 7.29 5.52
C ALA A 24 -1.39 6.77 6.10
N ALA A 25 -1.90 5.65 5.54
CA ALA A 25 -3.15 5.10 5.93
C ALA A 25 -3.07 4.44 7.28
N SER A 26 -1.86 4.06 7.69
CA SER A 26 -1.65 3.40 8.99
C SER A 26 -1.62 4.36 10.18
N SER A 27 -1.61 5.65 9.90
CA SER A 27 -1.57 6.71 10.92
C SER A 27 -2.47 7.88 10.54
N LEU A 28 -3.77 7.65 10.55
CA LEU A 28 -4.71 8.70 10.21
C LEU A 28 -4.73 9.85 11.23
N GLN A 29 -4.21 9.59 12.41
CA GLN A 29 -4.26 10.56 13.51
C GLN A 29 -3.07 11.57 13.52
N ARG A 30 -2.14 11.44 12.59
CA ARG A 30 -1.02 12.38 12.48
CA ARG A 30 -1.04 12.39 12.48
C ARG A 30 -0.43 12.37 11.09
N GLU A 31 0.29 13.43 10.77
CA GLU A 31 1.07 13.46 9.57
C GLU A 31 2.24 12.51 9.74
N VAL A 32 2.59 11.83 8.66
CA VAL A 32 3.77 11.00 8.60
C VAL A 32 4.66 11.52 7.49
N ALA A 33 5.93 11.16 7.53
CA ALA A 33 6.88 11.59 6.51
C ALA A 33 7.89 10.50 6.19
N GLY A 34 8.52 10.63 5.05
CA GLY A 34 9.61 9.77 4.76
C GLY A 34 10.32 10.30 3.53
N LEU A 35 11.20 9.46 3.00
CA LEU A 35 12.08 9.86 1.92
C LEU A 35 11.77 9.09 0.64
N LEU A 36 11.99 9.78 -0.48
CA LEU A 36 11.84 9.18 -1.82
C LEU A 36 13.21 8.84 -2.37
N VAL A 37 13.37 7.61 -2.83
CA VAL A 37 14.64 7.12 -3.34
C VAL A 37 14.48 6.82 -4.82
N GLY A 38 15.46 7.22 -5.62
CA GLY A 38 15.40 7.00 -7.05
C GLY A 38 16.56 7.64 -7.77
N LYS A 39 16.28 8.13 -8.97
CA LYS A 39 17.28 8.80 -9.77
C LYS A 39 16.58 9.60 -10.85
N SER A 40 17.29 10.58 -11.41
CA SER A 40 16.78 11.30 -12.57
C SER A 40 17.20 10.55 -13.81
N ALA A 41 16.42 10.71 -14.86
CA ALA A 41 16.79 10.18 -16.16
C ALA A 41 16.46 11.29 -17.13
N GLY A 42 17.45 12.11 -17.45
CA GLY A 42 17.20 13.37 -18.12
C GLY A 42 16.30 14.21 -17.22
N LYS A 43 15.19 14.68 -17.77
CA LYS A 43 14.27 15.54 -17.03
C LYS A 43 13.16 14.74 -16.33
N VAL A 44 13.22 13.40 -16.44
CA VAL A 44 12.25 12.54 -15.79
C VAL A 44 12.83 12.16 -14.42
N LEU A 45 12.03 12.29 -13.38
CA LEU A 45 12.45 11.86 -12.07
C LEU A 45 11.79 10.53 -11.78
N GLU A 46 12.63 9.54 -11.50
CA GLU A 46 12.18 8.19 -11.21
C GLU A 46 12.18 7.95 -9.72
N ILE A 47 11.03 7.53 -9.20
CA ILE A 47 10.93 7.17 -7.81
C ILE A 47 10.87 5.67 -7.72
N TRP A 48 11.94 5.08 -7.20
CA TRP A 48 12.13 3.62 -7.17
C TRP A 48 11.66 3.02 -5.84
N ASP A 49 11.72 3.81 -4.77
CA ASP A 49 11.39 3.32 -3.43
C ASP A 49 11.04 4.51 -2.53
N ALA A 50 10.42 4.19 -1.41
CA ALA A 50 10.10 5.17 -0.38
C ALA A 50 10.43 4.52 0.94
N VAL A 51 11.15 5.22 1.80
CA VAL A 51 11.65 4.66 3.03
C VAL A 51 11.35 5.65 4.14
N THR A 52 11.40 5.19 5.38
CA THR A 52 11.09 6.08 6.49
C THR A 52 11.84 5.69 7.73
N GLY A 53 11.55 6.35 8.85
CA GLY A 53 12.20 6.03 10.06
C GLY A 53 11.64 6.88 11.17
N GLU A 54 12.42 7.00 12.21
CA GLU A 54 11.99 7.65 13.46
C GLU A 54 11.52 9.06 13.16
N GLN A 55 10.41 9.43 13.78
CA GLN A 55 9.81 10.74 13.51
C GLN A 55 8.85 11.13 14.59
N TYR A 56 8.50 12.42 14.60
CA TYR A 56 7.50 12.92 15.52
C TYR A 56 6.48 13.67 14.68
N GLY A 57 5.20 13.37 14.88
CA GLY A 57 4.17 14.10 14.17
C GLY A 57 2.89 14.28 14.92
N THR A 58 2.11 15.25 14.44
CA THR A 58 0.79 15.60 14.96
C THR A 58 -0.14 15.70 13.76
N PRO A 59 -1.41 16.04 13.96
CA PRO A 59 -2.27 16.25 12.81
C PRO A 59 -1.86 17.39 11.89
N ALA A 60 -1.00 18.29 12.36
CA ALA A 60 -0.65 19.48 11.59
C ALA A 60 0.84 19.62 11.26
N TYR A 61 1.67 18.64 11.62
CA TYR A 61 3.11 18.82 11.59
C TYR A 61 3.82 17.48 11.67
N VAL A 62 4.95 17.38 10.99
CA VAL A 62 5.78 16.18 11.13
C VAL A 62 7.26 16.52 10.85
N GLN A 63 8.14 15.94 11.66
CA GLN A 63 9.56 16.03 11.41
C GLN A 63 10.17 14.64 11.46
N LEU A 64 10.82 14.29 10.35
CA LEU A 64 11.60 13.05 10.27
C LEU A 64 12.89 13.27 10.98
N ASP A 65 13.31 12.35 11.85
CA ASP A 65 14.62 12.43 12.49
C ASP A 65 15.67 12.57 11.37
N GLU A 66 16.58 13.52 11.55
CA GLU A 66 17.57 13.83 10.52
C GLU A 66 18.56 12.68 10.30
N MET A 67 18.70 11.80 11.27
CA MET A 67 19.60 10.68 11.12
C MET A 67 19.03 9.60 10.14
N VAL A 68 17.75 9.67 9.83
CA VAL A 68 17.15 8.80 8.79
C VAL A 68 17.77 9.10 7.43
N MET A 69 17.69 10.35 7.01
CA MET A 69 18.37 10.83 5.82
C MET A 69 19.85 10.48 5.83
N ALA A 70 20.53 10.69 6.94
CA ALA A 70 21.98 10.45 6.98
C ALA A 70 22.28 8.98 6.72
N LYS A 71 21.53 8.10 7.36
CA LYS A 71 21.72 6.66 7.24
C LYS A 71 21.43 6.22 5.80
N VAL A 72 20.29 6.66 5.27
CA VAL A 72 19.83 6.26 3.93
C VAL A 72 20.82 6.74 2.85
N ALA A 73 21.24 7.99 2.93
CA ALA A 73 22.23 8.54 2.00
C ALA A 73 23.57 7.79 2.01
N GLU A 74 24.08 7.48 3.20
CA GLU A 74 25.35 6.78 3.30
C GLU A 74 25.23 5.37 2.70
N GLU A 75 24.15 4.68 3.02
CA GLU A 75 23.88 3.33 2.47
C GLU A 75 23.81 3.33 0.94
N LEU A 76 23.03 4.26 0.40
CA LEU A 76 22.91 4.35 -1.06
C LEU A 76 24.26 4.71 -1.73
N SER A 77 25.02 5.59 -1.08
CA SER A 77 26.31 6.01 -1.63
C SER A 77 27.27 4.85 -1.62
N LYS A 78 27.27 4.06 -0.56
CA LYS A 78 28.15 2.91 -0.44
C LYS A 78 27.80 1.82 -1.47
N SER A 79 26.52 1.63 -1.72
CA SER A 79 26.06 0.55 -2.59
C SER A 79 26.42 0.78 -4.06
N ASP A 80 26.34 -0.30 -4.84
CA ASP A 80 26.61 -0.27 -6.29
C ASP A 80 25.41 0.23 -7.10
N LYS A 81 24.25 0.40 -6.47
CA LYS A 81 23.10 0.97 -7.15
C LYS A 81 23.34 2.46 -7.36
N ASN A 82 22.93 2.97 -8.50
CA ASN A 82 23.03 4.40 -8.78
C ASN A 82 21.72 5.10 -8.39
N LEU A 83 21.28 4.87 -7.17
CA LEU A 83 20.05 5.47 -6.68
C LEU A 83 20.44 6.40 -5.52
N TYR A 84 19.58 7.36 -5.25
CA TYR A 84 19.84 8.34 -4.19
C TYR A 84 18.56 8.92 -3.73
N ILE A 85 18.61 9.70 -2.64
CA ILE A 85 17.41 10.39 -2.23
C ILE A 85 17.05 11.45 -3.28
N VAL A 86 15.81 11.45 -3.72
CA VAL A 86 15.33 12.36 -4.75
C VAL A 86 14.23 13.27 -4.26
N GLY A 87 13.86 13.10 -3.01
CA GLY A 87 12.76 13.86 -2.50
C GLY A 87 12.24 13.28 -1.22
N TRP A 88 11.11 13.80 -0.82
CA TRP A 88 10.46 13.40 0.43
C TRP A 88 8.96 13.35 0.26
N TYR A 89 8.29 12.72 1.23
CA TYR A 89 6.85 12.66 1.24
C TYR A 89 6.31 12.96 2.62
N HIS A 90 5.10 13.48 2.65
CA HIS A 90 4.36 13.49 3.86
C HIS A 90 2.87 13.46 3.63
N SER A 91 2.17 13.07 4.69
CA SER A 91 0.73 12.96 4.60
C SER A 91 0.05 14.17 5.20
N HIS A 92 -1.20 14.35 4.80
N HIS A 92 -1.20 14.38 4.77
CA HIS A 92 -1.97 15.48 5.23
CA HIS A 92 -2.01 15.54 5.11
C HIS A 92 -3.37 14.95 5.42
C HIS A 92 -3.43 15.04 5.46
N PRO A 93 -3.58 14.15 6.47
CA PRO A 93 -4.89 13.52 6.66
C PRO A 93 -6.03 14.50 6.85
N GLY A 94 -7.00 14.45 5.96
CA GLY A 94 -8.18 15.31 6.04
C GLY A 94 -7.93 16.77 5.72
N LEU A 95 -6.73 17.10 5.29
CA LEU A 95 -6.34 18.50 5.06
C LEU A 95 -6.16 18.82 3.58
N ASP A 96 -6.31 17.82 2.70
CA ASP A 96 -6.20 18.02 1.25
C ASP A 96 -4.73 18.19 0.85
N VAL A 97 -4.47 18.31 -0.45
CA VAL A 97 -3.14 18.13 -0.99
C VAL A 97 -2.57 19.45 -1.52
N PHE A 98 -1.63 20.01 -0.78
CA PHE A 98 -0.92 21.23 -1.18
C PHE A 98 0.36 21.30 -0.39
N LEU A 99 1.27 22.18 -0.79
CA LEU A 99 2.49 22.43 -0.02
C LEU A 99 2.25 23.62 0.89
N SER A 100 2.31 23.41 2.19
CA SER A 100 2.18 24.47 3.16
C SER A 100 3.46 25.33 3.17
N PRO A 101 3.44 26.46 3.89
CA PRO A 101 4.66 27.27 3.96
C PRO A 101 5.84 26.49 4.51
N THR A 102 5.59 25.68 5.55
CA THR A 102 6.64 24.78 6.08
C THR A 102 7.18 23.84 5.01
N ASP A 103 6.27 23.21 4.26
CA ASP A 103 6.68 22.28 3.26
C ASP A 103 7.51 22.96 2.18
N ILE A 104 7.09 24.16 1.81
CA ILE A 104 7.78 24.92 0.77
C ILE A 104 9.23 25.20 1.18
N ASP A 105 9.42 25.58 2.43
CA ASP A 105 10.75 25.82 2.96
C ASP A 105 11.61 24.54 2.93
N THR A 106 11.05 23.41 3.35
CA THR A 106 11.75 22.13 3.26
C THR A 106 12.11 21.82 1.80
N GLN A 107 11.15 22.03 0.91
CA GLN A 107 11.34 21.71 -0.50
C GLN A 107 12.37 22.61 -1.18
N LYS A 108 12.38 23.89 -0.85
CA LYS A 108 13.39 24.80 -1.35
C LYS A 108 14.77 24.30 -0.97
N ARG A 109 14.92 23.82 0.25
CA ARG A 109 16.20 23.31 0.73
C ARG A 109 16.60 22.02 0.01
N TYR A 110 15.64 21.13 -0.25
CA TYR A 110 15.91 19.91 -1.06
C TYR A 110 16.37 20.28 -2.46
N GLN A 111 15.68 21.25 -3.08
CA GLN A 111 16.03 21.65 -4.43
C GLN A 111 17.38 22.36 -4.55
N ALA A 112 17.78 23.09 -3.50
CA ALA A 112 19.08 23.68 -3.50
C ALA A 112 20.14 22.61 -3.61
N MET A 113 19.97 21.49 -2.91
CA MET A 113 20.95 20.40 -2.97
C MET A 113 20.83 19.55 -4.24
N PHE A 114 19.61 19.38 -4.71
CA PHE A 114 19.33 18.55 -5.91
C PHE A 114 18.21 19.21 -6.68
N SER A 115 18.55 19.82 -7.81
CA SER A 115 17.62 20.72 -8.53
C SER A 115 16.31 19.99 -8.92
N LYS A 116 16.38 18.69 -9.15
CA LYS A 116 15.24 17.93 -9.63
C LYS A 116 14.39 17.29 -8.51
N ALA A 117 14.68 17.64 -7.28
CA ALA A 117 13.96 17.10 -6.12
C ALA A 117 12.46 17.42 -6.15
N VAL A 118 11.70 16.51 -5.54
CA VAL A 118 10.23 16.65 -5.52
C VAL A 118 9.70 16.37 -4.13
N ALA A 119 8.50 16.89 -3.83
CA ALA A 119 7.79 16.64 -2.56
C ALA A 119 6.46 15.96 -2.90
N LEU A 120 6.24 14.76 -2.39
CA LEU A 120 4.98 14.04 -2.59
C LEU A 120 4.10 14.23 -1.37
N VAL A 121 2.88 14.74 -1.59
CA VAL A 121 1.91 14.93 -0.51
C VAL A 121 0.70 14.02 -0.79
N VAL A 122 0.34 13.23 0.21
CA VAL A 122 -0.79 12.30 0.13
C VAL A 122 -1.79 12.60 1.23
N ASP A 123 -3.08 12.56 0.90
CA ASP A 123 -4.15 12.68 1.88
C ASP A 123 -4.88 11.33 1.91
N PRO A 124 -4.61 10.52 2.94
CA PRO A 124 -5.15 9.15 2.92
C PRO A 124 -6.64 9.06 3.05
N VAL A 125 -7.30 10.09 3.58
CA VAL A 125 -8.73 9.94 3.80
C VAL A 125 -9.55 10.23 2.55
N ASP A 126 -8.94 10.71 1.48
CA ASP A 126 -9.69 11.01 0.25
C ASP A 126 -9.24 10.17 -0.94
N TYR A 127 -10.11 10.07 -1.94
CA TYR A 127 -9.75 9.43 -3.23
C TYR A 127 -10.07 10.39 -4.39
N ALA A 128 -9.19 10.41 -5.39
CA ALA A 128 -9.37 11.27 -6.58
C ALA A 128 -10.55 10.77 -7.40
N LYS A 129 -11.45 11.69 -7.79
CA LYS A 129 -12.69 11.38 -8.49
C LYS A 129 -13.58 10.41 -7.71
N ILE A 133 -13.76 6.66 -12.47
CA ILE A 133 -12.55 5.95 -12.10
C ILE A 133 -11.89 6.58 -10.88
N SER A 134 -11.44 5.76 -9.93
CA SER A 134 -10.83 6.26 -8.70
C SER A 134 -9.31 6.13 -8.71
N SER A 135 -8.68 6.95 -7.89
CA SER A 135 -7.25 6.85 -7.65
C SER A 135 -6.88 7.39 -6.27
N LEU A 136 -5.61 7.32 -5.97
CA LEU A 136 -5.11 7.73 -4.67
C LEU A 136 -5.01 9.25 -4.65
N LYS A 137 -5.25 9.87 -3.49
CA LYS A 137 -5.27 11.33 -3.44
C LYS A 137 -3.89 11.86 -3.13
N PHE A 138 -3.14 12.15 -4.18
CA PHE A 138 -1.79 12.65 -4.00
C PHE A 138 -1.31 13.53 -5.16
N LYS A 139 -0.29 14.31 -4.88
CA LYS A 139 0.39 15.12 -5.89
C LYS A 139 1.87 15.09 -5.63
N VAL A 140 2.62 15.35 -6.70
CA VAL A 140 4.03 15.49 -6.59
C VAL A 140 4.37 16.91 -7.02
N PHE A 141 5.00 17.64 -6.09
CA PHE A 141 5.23 19.06 -6.25
C PHE A 141 6.70 19.36 -6.43
N GLN A 142 6.94 20.47 -7.10
CA GLN A 142 8.25 21.04 -7.19
C GLN A 142 8.11 22.56 -7.21
N ILE A 143 9.14 23.24 -6.73
CA ILE A 143 9.19 24.69 -6.85
C ILE A 143 9.80 25.03 -8.21
N SER A 144 9.08 25.81 -8.98
CA SER A 144 9.43 26.09 -10.36
C SER A 144 10.61 27.08 -10.38
N LYS A 145 11.14 27.31 -11.57
CA LYS A 145 12.32 28.16 -11.69
C LYS A 145 12.05 29.58 -11.22
N GLU A 146 10.82 30.05 -11.37
CA GLU A 146 10.42 31.36 -10.88
C GLU A 146 9.85 31.37 -9.44
N GLY A 147 9.85 30.22 -8.78
CA GLY A 147 9.54 30.16 -7.34
C GLY A 147 8.09 29.84 -6.97
N ARG A 148 7.32 29.31 -7.92
CA ARG A 148 5.92 28.91 -7.66
C ARG A 148 5.85 27.40 -7.45
N VAL A 149 4.93 26.95 -6.62
CA VAL A 149 4.71 25.53 -6.46
C VAL A 149 3.97 25.03 -7.68
N VAL A 150 4.51 23.99 -8.30
CA VAL A 150 3.81 23.39 -9.45
C VAL A 150 3.57 21.93 -9.15
N SER A 151 2.42 21.43 -9.55
CA SER A 151 2.12 20.00 -9.45
C SER A 151 2.66 19.34 -10.73
N LEU A 152 3.53 18.35 -10.60
CA LEU A 152 4.12 17.73 -11.80
C LEU A 152 3.27 16.57 -12.34
N PRO A 153 3.33 16.34 -13.65
CA PRO A 153 2.73 15.14 -14.23
C PRO A 153 3.37 13.90 -13.61
N VAL A 154 2.53 12.93 -13.25
CA VAL A 154 2.98 11.72 -12.58
C VAL A 154 2.44 10.53 -13.36
N SER A 155 3.26 9.48 -13.49
CA SER A 155 2.80 8.20 -14.03
C SER A 155 3.48 7.03 -13.31
N ALA B 4 -31.88 1.13 -8.70
CA ALA B 4 -30.81 0.82 -9.70
C ALA B 4 -29.93 -0.33 -9.22
N SER B 5 -29.32 -0.18 -8.04
CA SER B 5 -28.45 -1.25 -7.52
C SER B 5 -28.65 -1.46 -6.01
N ALA B 6 -28.22 -2.62 -5.52
CA ALA B 6 -28.41 -2.98 -4.10
C ALA B 6 -27.59 -2.09 -3.16
N THR B 7 -26.41 -1.68 -3.61
CA THR B 7 -25.53 -0.82 -2.80
C THR B 7 -25.48 0.57 -3.44
N ALA B 8 -25.71 1.60 -2.65
CA ALA B 8 -25.70 2.98 -3.14
C ALA B 8 -24.28 3.54 -3.25
N ARG B 9 -23.42 3.16 -2.30
CA ARG B 9 -22.06 3.70 -2.27
C ARG B 9 -21.22 2.88 -1.31
N VAL B 10 -19.92 3.01 -1.49
CA VAL B 10 -18.96 2.20 -0.81
C VAL B 10 -18.04 3.13 -0.03
N ARG B 11 -17.78 2.79 1.22
CA ARG B 11 -16.83 3.54 2.07
C ARG B 11 -15.74 2.57 2.42
N ILE B 12 -14.51 2.87 2.03
CA ILE B 12 -13.37 1.99 2.21
CA ILE B 12 -13.41 1.95 2.28
C ILE B 12 -12.41 2.56 3.25
N TYR B 13 -12.11 1.80 4.29
CA TYR B 13 -11.13 2.26 5.26
C TYR B 13 -9.79 2.42 4.56
N PRO B 14 -9.08 3.53 4.82
CA PRO B 14 -7.88 3.77 4.01
C PRO B 14 -6.86 2.63 4.07
N LEU B 15 -6.71 2.00 5.22
CA LEU B 15 -5.72 0.93 5.32
C LEU B 15 -6.14 -0.29 4.49
N ALA B 16 -7.43 -0.53 4.38
CA ALA B 16 -7.93 -1.63 3.55
C ALA B 16 -7.57 -1.41 2.08
N LEU B 17 -7.82 -0.21 1.58
CA LEU B 17 -7.42 0.12 0.20
C LEU B 17 -5.91 0.03 0.00
N ALA B 18 -5.15 0.54 0.96
CA ALA B 18 -3.72 0.46 0.89
C ALA B 18 -3.22 -0.95 0.81
N LYS B 19 -3.85 -1.88 1.54
CA LYS B 19 -3.44 -3.28 1.48
C LYS B 19 -3.69 -3.87 0.11
N VAL B 20 -4.82 -3.52 -0.46
CA VAL B 20 -5.16 -3.97 -1.83
C VAL B 20 -4.16 -3.45 -2.81
N VAL B 21 -3.87 -2.15 -2.70
CA VAL B 21 -2.92 -1.50 -3.58
C VAL B 21 -1.54 -2.11 -3.44
N LYS B 22 -1.10 -2.38 -2.21
CA LYS B 22 0.23 -2.92 -2.03
C LYS B 22 0.31 -4.34 -2.60
N HIS B 23 -0.75 -5.13 -2.39
CA HIS B 23 -0.77 -6.48 -2.93
C HIS B 23 -0.62 -6.46 -4.45
N ALA B 24 -1.45 -5.65 -5.09
CA ALA B 24 -1.41 -5.49 -6.52
C ALA B 24 -0.07 -5.03 -7.03
N ALA B 25 0.54 -4.05 -6.36
CA ALA B 25 1.79 -3.46 -6.79
C ALA B 25 2.96 -4.41 -6.57
N SER B 26 2.79 -5.39 -5.70
CA SER B 26 3.85 -6.34 -5.37
CA SER B 26 3.87 -6.32 -5.38
C SER B 26 3.97 -7.47 -6.40
N SER B 27 2.98 -7.58 -7.27
CA SER B 27 2.93 -8.59 -8.34
C SER B 27 2.48 -8.02 -9.66
N LEU B 28 3.33 -7.24 -10.31
CA LEU B 28 2.95 -6.64 -11.57
C LEU B 28 2.89 -7.70 -12.70
N GLN B 29 3.50 -8.86 -12.48
CA GLN B 29 3.61 -9.91 -13.49
C GLN B 29 2.37 -10.84 -13.53
N ARG B 30 1.41 -10.65 -12.64
CA ARG B 30 0.18 -11.47 -12.65
CA ARG B 30 0.18 -11.46 -12.66
C ARG B 30 -0.93 -10.77 -11.92
N GLU B 31 -2.15 -11.17 -12.25
CA GLU B 31 -3.30 -10.76 -11.49
C GLU B 31 -3.22 -11.39 -10.09
N VAL B 32 -3.63 -10.62 -9.09
CA VAL B 32 -3.76 -11.11 -7.74
C VAL B 32 -5.18 -10.91 -7.32
N ALA B 33 -5.58 -11.62 -6.27
CA ALA B 33 -6.93 -11.51 -5.80
C ALA B 33 -6.97 -11.61 -4.28
N GLY B 34 -8.08 -11.14 -3.70
CA GLY B 34 -8.39 -11.40 -2.34
C GLY B 34 -9.81 -11.08 -1.98
N LEU B 35 -10.07 -10.96 -0.69
CA LEU B 35 -11.43 -10.81 -0.16
C LEU B 35 -11.57 -9.48 0.54
N LEU B 36 -12.77 -8.91 0.44
CA LEU B 36 -13.13 -7.66 1.11
C LEU B 36 -13.94 -8.03 2.33
N VAL B 37 -13.55 -7.49 3.48
CA VAL B 37 -14.22 -7.72 4.76
C VAL B 37 -14.84 -6.41 5.25
N GLY B 38 -16.08 -6.50 5.71
CA GLY B 38 -16.79 -5.34 6.25
C GLY B 38 -18.21 -5.63 6.64
N LYS B 39 -19.08 -4.67 6.37
CA LYS B 39 -20.50 -4.84 6.63
C LYS B 39 -21.30 -3.80 5.90
N SER B 40 -22.58 -4.07 5.71
CA SER B 40 -23.48 -3.06 5.19
C SER B 40 -23.96 -2.16 6.33
N ALA B 41 -24.26 -0.91 5.99
CA ALA B 41 -25.01 -0.01 6.89
C ALA B 41 -26.05 0.63 6.02
N GLY B 42 -27.26 0.08 6.05
CA GLY B 42 -28.27 0.42 5.06
C GLY B 42 -27.76 0.10 3.67
N LYS B 43 -27.81 1.09 2.79
CA LYS B 43 -27.36 0.94 1.41
C LYS B 43 -25.89 1.30 1.21
N VAL B 44 -25.20 1.63 2.30
CA VAL B 44 -23.76 1.91 2.27
C VAL B 44 -23.03 0.62 2.59
N LEU B 45 -22.07 0.25 1.77
CA LEU B 45 -21.24 -0.89 2.08
C LEU B 45 -19.91 -0.40 2.63
N GLU B 46 -19.56 -0.86 3.83
CA GLU B 46 -18.31 -0.50 4.47
C GLU B 46 -17.30 -1.60 4.26
N ILE B 47 -16.16 -1.26 3.70
CA ILE B 47 -15.03 -2.18 3.57
C ILE B 47 -14.03 -1.81 4.67
N TRP B 48 -13.93 -2.70 5.66
CA TRP B 48 -13.11 -2.53 6.83
C TRP B 48 -11.70 -3.10 6.65
N ASP B 49 -11.57 -4.12 5.83
CA ASP B 49 -10.31 -4.82 5.67
C ASP B 49 -10.28 -5.58 4.33
N ALA B 50 -9.09 -5.93 3.90
CA ALA B 50 -8.88 -6.72 2.72
C ALA B 50 -7.88 -7.81 3.12
N VAL B 51 -8.21 -9.07 2.84
CA VAL B 51 -7.35 -10.19 3.23
C VAL B 51 -7.15 -11.09 2.01
N THR B 52 -6.16 -11.96 2.07
CA THR B 52 -5.86 -12.81 0.93
C THR B 52 -5.22 -14.09 1.39
N GLY B 53 -4.76 -14.88 0.43
CA GLY B 53 -4.14 -16.13 0.76
C GLY B 53 -3.74 -16.85 -0.50
N GLU B 54 -3.57 -18.14 -0.38
CA GLU B 54 -3.01 -18.95 -1.46
C GLU B 54 -3.84 -18.77 -2.73
N GLN B 55 -3.13 -18.63 -3.85
CA GLN B 55 -3.76 -18.38 -5.13
C GLN B 55 -2.82 -18.73 -6.25
N TYR B 56 -3.40 -18.85 -7.43
CA TYR B 56 -2.66 -19.03 -8.66
C TYR B 56 -3.16 -17.96 -9.62
N GLY B 57 -2.21 -17.26 -10.23
CA GLY B 57 -2.56 -16.21 -11.18
C GLY B 57 -1.57 -16.09 -12.33
N THR B 58 -2.03 -15.49 -13.39
CA THR B 58 -1.24 -15.21 -14.59
C THR B 58 -1.54 -13.75 -14.95
N PRO B 59 -0.92 -13.22 -16.03
CA PRO B 59 -1.34 -11.87 -16.42
C PRO B 59 -2.82 -11.70 -16.80
N ALA B 60 -3.55 -12.79 -17.07
CA ALA B 60 -4.91 -12.70 -17.56
C ALA B 60 -5.94 -13.36 -16.65
N TYR B 61 -5.54 -13.89 -15.50
CA TYR B 61 -6.42 -14.77 -14.72
C TYR B 61 -5.93 -14.94 -13.33
N VAL B 62 -6.85 -15.06 -12.39
CA VAL B 62 -6.47 -15.43 -11.05
C VAL B 62 -7.60 -16.19 -10.35
N GLN B 63 -7.21 -17.19 -9.57
CA GLN B 63 -8.12 -17.90 -8.72
C GLN B 63 -7.59 -18.01 -7.30
N LEU B 64 -8.35 -17.51 -6.36
CA LEU B 64 -8.04 -17.63 -4.94
C LEU B 64 -8.42 -19.02 -4.44
N ASP B 65 -7.51 -19.71 -3.77
CA ASP B 65 -7.84 -20.97 -3.14
C ASP B 65 -9.15 -20.84 -2.33
N GLU B 66 -10.09 -21.75 -2.57
CA GLU B 66 -11.40 -21.65 -1.96
C GLU B 66 -11.34 -21.79 -0.42
N MET B 67 -10.29 -22.40 0.10
CA MET B 67 -10.19 -22.52 1.55
C MET B 67 -9.76 -21.21 2.23
N VAL B 68 -9.39 -20.20 1.44
CA VAL B 68 -9.16 -18.84 1.98
C VAL B 68 -10.50 -18.28 2.48
N MET B 69 -11.48 -18.22 1.58
CA MET B 69 -12.84 -17.84 1.97
C MET B 69 -13.38 -18.66 3.12
N ALA B 70 -13.19 -19.96 3.08
CA ALA B 70 -13.71 -20.81 4.14
C ALA B 70 -13.12 -20.42 5.52
N LYS B 71 -11.81 -20.25 5.56
CA LYS B 71 -11.12 -19.97 6.83
C LYS B 71 -11.57 -18.60 7.34
N VAL B 72 -11.54 -17.63 6.42
CA VAL B 72 -11.91 -16.24 6.77
C VAL B 72 -13.35 -16.16 7.27
N ALA B 73 -14.27 -16.79 6.55
CA ALA B 73 -15.68 -16.76 6.99
C ALA B 73 -15.89 -17.36 8.36
N GLU B 74 -15.24 -18.50 8.59
CA GLU B 74 -15.38 -19.22 9.84
C GLU B 74 -14.80 -18.36 10.96
N GLU B 75 -13.64 -17.76 10.72
CA GLU B 75 -13.00 -16.90 11.73
C GLU B 75 -13.87 -15.70 12.06
N LEU B 76 -14.40 -15.05 11.04
CA LEU B 76 -15.25 -13.88 11.28
C LEU B 76 -16.53 -14.30 12.00
N SER B 77 -17.08 -15.45 11.60
CA SER B 77 -18.31 -15.94 12.20
C SER B 77 -18.09 -16.23 13.68
N LYS B 78 -16.92 -16.76 14.03
CA LYS B 78 -16.62 -17.07 15.44
C LYS B 78 -16.41 -15.81 16.28
N SER B 79 -15.77 -14.80 15.71
CA SER B 79 -15.46 -13.58 16.45
C SER B 79 -16.72 -12.85 16.92
N ASP B 80 -16.55 -11.96 17.89
CA ASP B 80 -17.66 -11.12 18.37
C ASP B 80 -17.88 -9.86 17.51
N LYS B 81 -16.96 -9.56 16.59
CA LYS B 81 -17.13 -8.43 15.67
C LYS B 81 -18.19 -8.75 14.62
N ASN B 82 -18.98 -7.75 14.22
CA ASN B 82 -20.05 -7.99 13.26
C ASN B 82 -19.61 -7.67 11.84
N LEU B 83 -18.51 -8.30 11.42
CA LEU B 83 -17.96 -8.10 10.10
C LEU B 83 -18.00 -9.41 9.36
N TYR B 84 -17.97 -9.33 8.05
CA TYR B 84 -18.10 -10.53 7.21
C TYR B 84 -17.56 -10.21 5.86
N ILE B 85 -17.46 -11.24 5.03
CA ILE B 85 -17.01 -11.05 3.67
C ILE B 85 -18.13 -10.30 2.92
N VAL B 86 -17.74 -9.21 2.27
CA VAL B 86 -18.67 -8.36 1.52
C VAL B 86 -18.32 -8.23 0.06
N GLY B 87 -17.30 -8.93 -0.37
CA GLY B 87 -16.82 -8.79 -1.74
C GLY B 87 -15.46 -9.37 -1.93
N TRP B 88 -14.89 -9.03 -3.08
CA TRP B 88 -13.59 -9.54 -3.47
C TRP B 88 -12.89 -8.50 -4.34
N TYR B 89 -11.61 -8.70 -4.52
CA TYR B 89 -10.84 -7.80 -5.33
C TYR B 89 -9.91 -8.58 -6.21
N HIS B 90 -9.56 -7.96 -7.33
CA HIS B 90 -8.47 -8.48 -8.12
C HIS B 90 -7.81 -7.39 -8.92
N SER B 91 -6.58 -7.66 -9.32
CA SER B 91 -5.83 -6.72 -10.09
C SER B 91 -5.86 -7.06 -11.55
N HIS B 92 -5.59 -6.04 -12.36
CA HIS B 92 -5.58 -6.17 -13.79
C HIS B 92 -4.41 -5.39 -14.40
N PRO B 93 -3.18 -5.84 -14.14
CA PRO B 93 -2.03 -4.99 -14.45
C PRO B 93 -1.87 -4.72 -15.94
N GLY B 94 -1.82 -3.44 -16.30
CA GLY B 94 -1.61 -3.01 -17.67
C GLY B 94 -2.78 -3.20 -18.60
N LEU B 95 -3.93 -3.57 -18.06
CA LEU B 95 -5.08 -3.90 -18.88
C LEU B 95 -6.34 -3.11 -18.49
N ASP B 96 -6.19 -2.13 -17.60
CA ASP B 96 -7.26 -1.18 -17.27
C ASP B 96 -8.31 -1.83 -16.36
N VAL B 97 -9.34 -1.06 -16.00
CA VAL B 97 -10.22 -1.40 -14.91
C VAL B 97 -11.63 -1.64 -15.42
N PHE B 98 -12.05 -2.90 -15.39
CA PHE B 98 -13.41 -3.27 -15.76
C PHE B 98 -13.64 -4.69 -15.28
N LEU B 99 -14.88 -5.12 -15.36
CA LEU B 99 -15.22 -6.50 -15.01
C LEU B 99 -15.32 -7.32 -16.27
N SER B 100 -14.44 -8.31 -16.40
CA SER B 100 -14.45 -9.21 -17.52
C SER B 100 -15.66 -10.15 -17.38
N PRO B 101 -15.99 -10.91 -18.43
CA PRO B 101 -17.06 -11.91 -18.30
C PRO B 101 -16.83 -12.89 -17.14
N THR B 102 -15.59 -13.30 -16.92
CA THR B 102 -15.25 -14.16 -15.79
C THR B 102 -15.55 -13.50 -14.45
N ASP B 103 -15.14 -12.25 -14.31
CA ASP B 103 -15.42 -11.44 -13.11
C ASP B 103 -16.91 -11.32 -12.86
N ILE B 104 -17.67 -11.05 -13.92
CA ILE B 104 -19.12 -10.88 -13.80
C ILE B 104 -19.78 -12.16 -13.24
N ASP B 105 -19.33 -13.31 -13.71
CA ASP B 105 -19.85 -14.56 -13.26
C ASP B 105 -19.57 -14.74 -11.77
N THR B 106 -18.33 -14.47 -11.37
CA THR B 106 -17.97 -14.50 -9.96
C THR B 106 -18.82 -13.55 -9.14
N GLN B 107 -18.98 -12.33 -9.67
CA GLN B 107 -19.71 -11.34 -8.93
C GLN B 107 -21.18 -11.70 -8.81
N LYS B 108 -21.76 -12.28 -9.85
CA LYS B 108 -23.15 -12.72 -9.77
C LYS B 108 -23.35 -13.74 -8.67
N ARG B 109 -22.40 -14.68 -8.53
CA ARG B 109 -22.46 -15.66 -7.45
C ARG B 109 -22.33 -15.03 -6.08
N TYR B 110 -21.45 -14.03 -5.95
CA TYR B 110 -21.32 -13.31 -4.68
C TYR B 110 -22.64 -12.61 -4.31
N GLN B 111 -23.21 -11.93 -5.29
CA GLN B 111 -24.47 -11.19 -5.08
C GLN B 111 -25.65 -12.09 -4.81
N ALA B 112 -25.65 -13.30 -5.36
CA ALA B 112 -26.69 -14.26 -5.02
C ALA B 112 -26.68 -14.56 -3.53
N MET B 113 -25.51 -14.67 -2.94
CA MET B 113 -25.41 -15.02 -1.53
C MET B 113 -25.58 -13.75 -0.64
N PHE B 114 -25.07 -12.63 -1.12
CA PHE B 114 -25.15 -11.35 -0.39
C PHE B 114 -25.45 -10.24 -1.39
N SER B 115 -26.67 -9.75 -1.38
CA SER B 115 -27.17 -8.83 -2.42
C SER B 115 -26.31 -7.56 -2.56
N LYS B 116 -25.68 -7.14 -1.47
CA LYS B 116 -24.90 -5.90 -1.49
C LYS B 116 -23.40 -6.06 -1.82
N ALA B 117 -23.00 -7.25 -2.25
CA ALA B 117 -21.61 -7.56 -2.49
C ALA B 117 -21.04 -6.69 -3.62
N VAL B 118 -19.74 -6.47 -3.58
CA VAL B 118 -19.04 -5.65 -4.59
C VAL B 118 -17.76 -6.33 -5.05
N ALA B 119 -17.30 -5.94 -6.23
CA ALA B 119 -16.04 -6.38 -6.79
C ALA B 119 -15.12 -5.18 -7.02
N LEU B 120 -13.95 -5.23 -6.41
CA LEU B 120 -12.96 -4.14 -6.54
C LEU B 120 -11.91 -4.55 -7.55
N VAL B 121 -11.69 -3.71 -8.56
CA VAL B 121 -10.69 -4.01 -9.58
C VAL B 121 -9.67 -2.88 -9.60
N VAL B 122 -8.39 -3.25 -9.52
CA VAL B 122 -7.30 -2.30 -9.48
C VAL B 122 -6.32 -2.59 -10.61
N ASP B 123 -5.87 -1.56 -11.32
CA ASP B 123 -4.77 -1.66 -12.26
C ASP B 123 -3.67 -0.74 -11.70
N PRO B 124 -2.60 -1.34 -11.17
CA PRO B 124 -1.44 -0.56 -10.64
C PRO B 124 -0.54 0.04 -11.72
N VAL B 125 -0.70 -0.35 -12.98
CA VAL B 125 0.12 0.20 -14.05
C VAL B 125 -0.74 0.54 -15.27
N ASP B 126 -1.72 1.40 -15.01
CA ASP B 126 -2.71 1.75 -16.00
C ASP B 126 -2.25 2.91 -16.87
N TYR B 127 -1.74 2.59 -18.04
CA TYR B 127 -1.24 3.59 -18.96
C TYR B 127 -2.36 4.22 -19.84
N ALA B 128 -3.60 3.75 -19.69
CA ALA B 128 -4.76 4.49 -20.23
C ALA B 128 -5.01 5.67 -19.27
N LYS B 129 -4.48 6.84 -19.58
CA LYS B 129 -4.42 7.91 -18.58
C LYS B 129 -4.12 9.28 -19.16
N THR B 130 -4.36 10.31 -18.35
CA THR B 130 -3.94 11.68 -18.66
C THR B 130 -2.55 11.94 -18.08
N ARG B 131 -1.85 12.93 -18.62
CA ARG B 131 -0.50 13.29 -18.18
C ARG B 131 -0.39 13.47 -16.65
N ARG B 132 -1.34 14.20 -16.09
CA ARG B 132 -1.29 14.60 -14.69
C ARG B 132 -1.65 13.52 -13.64
N ILE B 133 -2.49 12.55 -14.01
CA ILE B 133 -3.05 11.55 -13.06
C ILE B 133 -2.24 10.23 -13.00
N SER B 134 -2.23 9.63 -11.81
CA SER B 134 -1.43 8.43 -11.51
C SER B 134 -1.82 7.22 -12.36
N SER B 135 -0.83 6.34 -12.56
CA SER B 135 -1.07 5.03 -13.19
C SER B 135 -1.85 4.02 -12.34
N LEU B 136 -2.13 4.39 -11.10
CA LEU B 136 -2.78 3.47 -10.19
C LEU B 136 -4.25 3.85 -10.22
N LYS B 137 -5.11 2.93 -10.67
CA LYS B 137 -6.52 3.23 -10.85
C LYS B 137 -7.35 2.09 -10.26
N PHE B 138 -8.50 2.40 -9.69
CA PHE B 138 -9.42 1.33 -9.30
C PHE B 138 -10.87 1.77 -9.38
N LYS B 139 -11.75 0.77 -9.42
CA LYS B 139 -13.18 0.97 -9.36
C LYS B 139 -13.81 -0.12 -8.52
N VAL B 140 -15.00 0.19 -8.00
CA VAL B 140 -15.78 -0.77 -7.26
C VAL B 140 -17.08 -0.99 -8.01
N PHE B 141 -17.31 -2.25 -8.37
CA PHE B 141 -18.42 -2.62 -9.26
C PHE B 141 -19.46 -3.43 -8.56
N GLN B 142 -20.67 -3.36 -9.09
CA GLN B 142 -21.73 -4.25 -8.72
C GLN B 142 -22.60 -4.52 -9.94
N ILE B 143 -23.27 -5.67 -9.96
CA ILE B 143 -24.25 -5.98 -10.99
C ILE B 143 -25.58 -5.36 -10.54
N SER B 144 -26.14 -4.50 -11.38
CA SER B 144 -27.37 -3.81 -11.03
C SER B 144 -28.54 -4.79 -11.00
N LYS B 145 -29.70 -4.28 -10.56
CA LYS B 145 -30.90 -5.11 -10.50
C LYS B 145 -31.35 -5.57 -11.90
N GLU B 146 -31.10 -4.76 -12.93
CA GLU B 146 -31.39 -5.15 -14.32
C GLU B 146 -30.26 -5.94 -14.99
N GLY B 147 -29.21 -6.27 -14.25
CA GLY B 147 -28.18 -7.18 -14.75
C GLY B 147 -27.01 -6.50 -15.45
N ARG B 148 -26.80 -5.21 -15.21
CA ARG B 148 -25.74 -4.46 -15.88
C ARG B 148 -24.63 -4.10 -14.90
N VAL B 149 -23.39 -4.13 -15.36
CA VAL B 149 -22.28 -3.76 -14.49
C VAL B 149 -22.35 -2.26 -14.22
N VAL B 150 -22.36 -1.87 -12.95
CA VAL B 150 -22.29 -0.46 -12.57
C VAL B 150 -21.06 -0.20 -11.71
N SER B 151 -20.44 0.96 -11.92
CA SER B 151 -19.34 1.44 -11.10
C SER B 151 -19.95 2.27 -9.97
N LEU B 152 -19.67 1.93 -8.72
CA LEU B 152 -20.33 2.58 -7.58
C LEU B 152 -19.50 3.74 -7.04
N PRO B 153 -20.16 4.76 -6.46
CA PRO B 153 -19.42 5.87 -5.82
C PRO B 153 -18.57 5.36 -4.67
N VAL B 154 -17.32 5.79 -4.60
CA VAL B 154 -16.42 5.30 -3.58
C VAL B 154 -15.95 6.50 -2.78
N SER B 155 -15.92 6.37 -1.45
CA SER B 155 -15.27 7.35 -0.59
C SER B 155 -14.48 6.64 0.53
N ILE C 15 59.02 28.02 -5.23
CA ILE C 15 57.84 27.65 -4.38
C ILE C 15 57.00 28.90 -4.08
N PRO C 16 55.79 29.01 -4.70
CA PRO C 16 54.90 30.13 -4.39
C PRO C 16 54.61 30.28 -2.90
N THR C 17 54.63 31.53 -2.42
CA THR C 17 54.32 31.84 -1.02
C THR C 17 53.06 31.12 -0.49
N THR C 18 52.02 31.02 -1.32
CA THR C 18 50.77 30.37 -0.91
C THR C 18 50.75 28.84 -1.05
N GLU C 19 51.83 28.27 -1.58
CA GLU C 19 51.91 26.81 -1.70
C GLU C 19 51.90 26.15 -0.34
N ASN C 20 52.58 26.74 0.64
CA ASN C 20 52.54 26.22 2.01
C ASN C 20 51.09 26.06 2.50
N LEU C 21 50.24 27.04 2.16
CA LEU C 21 48.84 27.04 2.61
C LEU C 21 48.07 25.89 1.97
N TYR C 22 48.42 25.55 0.73
CA TYR C 22 47.83 24.42 0.01
C TYR C 22 47.98 23.08 0.74
N PHE C 23 49.11 22.86 1.39
CA PHE C 23 49.37 21.60 2.03
C PHE C 23 49.09 21.57 3.53
N GLN C 24 48.53 22.63 4.08
CA GLN C 24 48.25 22.64 5.54
C GLN C 24 47.21 21.55 5.81
N GLY C 25 47.56 20.54 6.58
CA GLY C 25 46.55 19.57 7.01
C GLY C 25 46.37 18.44 6.03
N HIS C 26 46.92 17.29 6.39
CA HIS C 26 46.97 16.13 5.50
C HIS C 26 45.87 15.11 5.86
N MET C 27 44.79 15.59 6.47
CA MET C 27 43.64 14.74 6.76
C MET C 27 42.60 14.92 5.66
N LYS C 28 42.21 13.84 5.02
CA LYS C 28 41.25 13.92 3.94
C LYS C 28 39.92 13.41 4.45
N ILE C 29 38.86 14.16 4.21
CA ILE C 29 37.56 13.71 4.62
C ILE C 29 36.62 13.71 3.43
N LYS C 30 35.67 12.78 3.47
CA LYS C 30 34.71 12.62 2.41
C LYS C 30 33.36 13.14 2.90
N ILE C 31 32.73 14.01 2.10
CA ILE C 31 31.41 14.53 2.43
C ILE C 31 30.42 14.08 1.35
N VAL C 32 29.41 13.36 1.79
CA VAL C 32 28.36 12.85 0.92
C VAL C 32 27.15 13.76 1.00
N PRO C 33 26.73 14.36 -0.14
CA PRO C 33 25.48 15.11 -0.11
C PRO C 33 24.31 14.14 0.05
N ALA C 34 23.40 14.42 0.98
CA ALA C 34 22.34 13.46 1.31
C ALA C 34 21.30 13.34 0.19
N VAL C 35 21.03 14.43 -0.51
CA VAL C 35 20.03 14.50 -1.52
C VAL C 35 20.68 14.69 -2.91
N GLY C 36 20.18 13.93 -3.87
N GLY C 36 20.32 13.82 -3.85
CA GLY C 36 20.70 13.96 -5.23
CA GLY C 36 20.68 14.00 -5.27
C GLY C 36 21.87 13.00 -5.34
C GLY C 36 21.84 13.21 -5.89
N GLY C 37 22.37 12.80 -6.54
N GLY C 37 22.62 12.48 -5.12
CA GLY C 37 23.40 11.81 -6.76
CA GLY C 37 23.72 11.68 -5.70
C GLY C 37 24.70 12.50 -7.04
C GLY C 37 24.77 12.36 -6.59
N GLY C 38 24.93 13.67 -6.43
CA GLY C 38 26.06 14.45 -6.93
C GLY C 38 27.35 13.93 -6.32
N SER C 39 28.48 14.34 -6.88
CA SER C 39 29.76 13.80 -6.46
C SER C 39 30.02 14.04 -4.96
N PRO C 40 30.53 13.04 -4.23
CA PRO C 40 31.02 13.39 -2.91
C PRO C 40 32.20 14.34 -3.03
N LEU C 41 32.44 15.12 -2.01
CA LEU C 41 33.61 15.97 -1.94
C LEU C 41 34.67 15.33 -1.06
N GLU C 42 35.92 15.46 -1.48
CA GLU C 42 37.02 14.95 -0.73
C GLU C 42 37.87 16.15 -0.37
N LEU C 43 37.73 16.59 0.87
CA LEU C 43 38.35 17.83 1.33
C LEU C 43 39.57 17.53 2.17
N GLU C 44 40.60 18.36 1.99
CA GLU C 44 41.82 18.28 2.76
C GLU C 44 41.72 19.31 3.87
N VAL C 45 41.80 18.86 5.12
CA VAL C 45 41.54 19.71 6.31
C VAL C 45 42.57 19.41 7.42
N ALA C 46 42.64 20.30 8.43
CA ALA C 46 43.45 20.03 9.64
C ALA C 46 42.59 19.56 10.82
N PRO C 47 43.18 18.80 11.77
CA PRO C 47 42.44 18.46 13.00
C PRO C 47 41.83 19.68 13.73
N ASN C 48 42.56 20.80 13.75
CA ASN C 48 42.04 22.02 14.40
C ASN C 48 40.87 22.73 13.66
N ALA C 49 40.53 22.29 12.45
CA ALA C 49 39.40 22.88 11.73
C ALA C 49 38.09 22.66 12.47
N THR C 50 37.15 23.61 12.35
CA THR C 50 35.84 23.41 12.88
C THR C 50 34.97 22.72 11.84
N VAL C 51 33.93 22.08 12.35
CA VAL C 51 32.89 21.54 11.53
C VAL C 51 32.27 22.64 10.66
N GLY C 52 32.10 23.84 11.23
CA GLY C 52 31.59 24.97 10.49
C GLY C 52 32.46 25.33 9.29
N ALA C 53 33.77 25.31 9.48
CA ALA C 53 34.70 25.63 8.39
C ALA C 53 34.55 24.59 7.25
N VAL C 54 34.39 23.32 7.62
CA VAL C 54 34.17 22.25 6.63
C VAL C 54 32.86 22.48 5.89
N ARG C 55 31.79 22.74 6.65
CA ARG C 55 30.49 22.90 6.04
C ARG C 55 30.45 24.14 5.13
N THR C 56 31.15 25.19 5.53
CA THR C 56 31.30 26.36 4.68
C THR C 56 31.90 26.03 3.31
N LYS C 57 32.97 25.24 3.31
CA LYS C 57 33.64 24.87 2.05
C LYS C 57 32.71 24.00 1.21
N VAL C 58 32.01 23.09 1.87
CA VAL C 58 31.06 22.21 1.18
C VAL C 58 29.93 23.03 0.50
N CYS C 59 29.36 23.96 1.25
CA CYS C 59 28.32 24.79 0.73
C CYS C 59 28.81 25.69 -0.40
N ALA C 60 30.06 26.15 -0.35
CA ALA C 60 30.64 26.94 -1.44
C ALA C 60 30.73 26.06 -2.69
N MET C 61 31.28 24.87 -2.54
CA MET C 61 31.44 23.94 -3.67
C MET C 61 30.09 23.58 -4.30
N LYS C 62 29.06 23.41 -3.50
CA LYS C 62 27.77 22.95 -3.98
C LYS C 62 26.78 24.08 -4.26
N LYS C 63 27.24 25.33 -4.14
CA LYS C 63 26.43 26.51 -4.35
C LYS C 63 25.21 26.50 -3.50
N LEU C 64 25.41 26.17 -2.23
CA LEU C 64 24.35 26.22 -1.26
C LEU C 64 24.44 27.45 -0.39
N PRO C 65 23.30 27.90 0.14
CA PRO C 65 23.31 28.92 1.17
C PRO C 65 23.95 28.36 2.43
N PRO C 66 24.30 29.22 3.39
CA PRO C 66 25.05 28.70 4.53
C PRO C 66 24.22 28.17 5.70
N ASP C 67 22.91 28.40 5.70
CA ASP C 67 22.10 28.24 6.89
C ASP C 67 21.04 27.13 6.79
N THR C 68 21.25 26.15 5.94
CA THR C 68 20.21 25.20 5.61
C THR C 68 20.60 23.73 5.77
N THR C 69 21.85 23.47 6.12
CA THR C 69 22.35 22.11 6.21
C THR C 69 23.13 21.88 7.49
N ARG C 70 23.41 20.61 7.75
CA ARG C 70 24.22 20.19 8.86
C ARG C 70 25.10 19.05 8.43
N LEU C 71 26.26 18.91 9.03
CA LEU C 71 27.06 17.72 8.82
C LEU C 71 26.75 16.66 9.88
N THR C 72 26.79 15.39 9.48
CA THR C 72 26.65 14.26 10.38
C THR C 72 27.86 13.37 10.28
N TYR C 73 28.14 12.70 11.38
CA TYR C 73 29.34 11.91 11.52
C TYR C 73 29.05 10.81 12.52
N LYS C 74 29.32 9.58 12.12
N LYS C 74 29.24 9.57 12.07
CA LYS C 74 28.81 8.40 12.82
CA LYS C 74 29.12 8.37 12.91
C LYS C 74 27.29 8.53 12.78
C LYS C 74 27.95 8.42 13.89
N GLY C 75 26.70 8.46 13.96
N GLY C 75 26.77 8.73 13.38
CA GLY C 75 25.27 8.59 14.06
CA GLY C 75 25.54 8.57 14.15
C GLY C 75 24.85 9.86 14.78
C GLY C 75 24.88 9.83 14.69
N ARG C 76 25.49 11.00 14.48
CA ARG C 76 24.94 12.25 15.01
C ARG C 76 25.21 13.49 14.20
N ALA C 77 24.25 14.41 14.28
CA ALA C 77 24.41 15.69 13.71
C ALA C 77 25.48 16.45 14.52
N LEU C 78 26.31 17.20 13.79
CA LEU C 78 27.40 17.94 14.39
C LEU C 78 27.03 19.41 14.51
N LYS C 79 27.55 20.04 15.53
CA LYS C 79 27.45 21.49 15.67
C LYS C 79 28.67 22.10 14.96
N ASP C 80 28.44 23.22 14.28
CA ASP C 80 29.49 23.93 13.53
C ASP C 80 30.69 24.36 14.38
N THR C 81 30.47 24.54 15.69
CA THR C 81 31.48 24.99 16.60
C THR C 81 32.44 23.88 17.08
N GLU C 82 32.08 22.62 16.86
CA GLU C 82 32.94 21.49 17.27
C GLU C 82 34.17 21.40 16.39
N THR C 83 35.31 21.04 16.95
CA THR C 83 36.51 20.82 16.12
C THR C 83 36.55 19.37 15.63
N LEU C 84 37.18 19.15 14.48
CA LEU C 84 37.33 17.76 13.97
C LEU C 84 38.15 16.94 14.97
N GLU C 85 39.20 17.57 15.49
CA GLU C 85 40.00 17.04 16.60
C GLU C 85 39.17 16.52 17.77
N SER C 86 38.17 17.29 18.22
CA SER C 86 37.31 16.88 19.35
C SER C 86 36.44 15.66 19.03
N LEU C 87 36.20 15.39 17.76
CA LEU C 87 35.39 14.26 17.32
C LEU C 87 36.18 12.98 17.04
N GLY C 88 37.50 13.04 17.09
CA GLY C 88 38.35 11.89 16.77
C GLY C 88 38.40 11.55 15.29
N VAL C 89 38.16 12.55 14.44
CA VAL C 89 38.14 12.35 12.98
C VAL C 89 39.54 11.97 12.51
N ALA C 90 39.62 11.05 11.56
CA ALA C 90 40.89 10.57 11.01
C ALA C 90 40.85 10.64 9.48
N ASP C 91 42.02 10.63 8.87
CA ASP C 91 42.13 10.62 7.42
C ASP C 91 41.17 9.54 6.90
N GLY C 92 40.42 9.87 5.85
CA GLY C 92 39.49 8.93 5.25
C GLY C 92 38.05 8.92 5.78
N ASP C 93 37.78 9.54 6.92
CA ASP C 93 36.42 9.50 7.47
C ASP C 93 35.39 10.20 6.57
N LYS C 94 34.13 9.84 6.79
CA LYS C 94 33.06 10.24 5.92
C LYS C 94 31.99 10.95 6.75
N PHE C 95 31.45 12.02 6.18
CA PHE C 95 30.38 12.82 6.73
C PHE C 95 29.26 12.86 5.72
N VAL C 96 28.04 13.08 6.20
CA VAL C 96 26.91 13.31 5.32
C VAL C 96 26.38 14.70 5.54
N LEU C 97 26.08 15.39 4.45
CA LEU C 97 25.48 16.70 4.52
C LEU C 97 23.96 16.54 4.40
N ILE C 98 23.24 16.83 5.49
CA ILE C 98 21.79 16.65 5.50
C ILE C 98 21.09 18.01 5.50
N THR C 99 19.79 17.94 5.25
CA THR C 99 18.88 19.05 5.41
C THR C 99 17.61 18.51 6.12
N ARG C 100 16.85 19.40 6.70
CA ARG C 100 15.67 19.03 7.50
C ARG C 100 14.56 18.51 6.61
N THR C 101 13.77 17.60 7.14
CA THR C 101 12.63 17.08 6.46
C THR C 101 11.45 17.30 7.41
N VAL C 102 10.73 18.40 7.20
CA VAL C 102 9.67 18.84 8.07
C VAL C 102 8.49 19.25 7.21
N GLY C 103 7.33 18.77 7.58
CA GLY C 103 6.11 19.09 6.89
C GLY C 103 5.11 19.75 7.79
N GLY C 104 4.06 20.25 7.16
CA GLY C 104 2.86 20.74 7.83
C GLY C 104 1.67 20.67 6.90
N ILE D 15 -39.27 -56.58 7.27
CA ILE D 15 -38.58 -55.28 7.49
C ILE D 15 -39.27 -54.16 6.70
N PRO D 16 -40.23 -53.45 7.34
CA PRO D 16 -40.89 -52.29 6.71
C PRO D 16 -39.92 -51.22 6.17
N THR D 17 -40.30 -50.55 5.08
CA THR D 17 -39.49 -49.49 4.45
C THR D 17 -39.07 -48.37 5.40
N THR D 18 -39.97 -48.01 6.31
CA THR D 18 -39.71 -46.97 7.31
C THR D 18 -38.87 -47.43 8.48
N GLU D 19 -38.66 -48.74 8.65
CA GLU D 19 -37.82 -49.21 9.75
C GLU D 19 -36.41 -48.66 9.65
N ASN D 20 -35.89 -48.64 8.42
CA ASN D 20 -34.58 -48.05 8.15
C ASN D 20 -34.51 -46.60 8.67
N LEU D 21 -35.57 -45.83 8.41
CA LEU D 21 -35.65 -44.43 8.89
C LEU D 21 -35.71 -44.39 10.41
N TYR D 22 -36.38 -45.38 11.01
CA TYR D 22 -36.47 -45.48 12.47
C TYR D 22 -35.08 -45.49 13.13
N PHE D 23 -34.14 -46.23 12.56
CA PHE D 23 -32.81 -46.35 13.18
C PHE D 23 -31.80 -45.32 12.72
N GLN D 24 -32.11 -44.66 11.62
CA GLN D 24 -31.27 -43.61 11.06
C GLN D 24 -30.95 -42.55 12.11
N GLY D 25 -29.67 -42.25 12.27
CA GLY D 25 -29.30 -41.19 13.18
C GLY D 25 -29.95 -39.84 12.86
N HIS D 26 -29.85 -38.93 13.83
CA HIS D 26 -30.29 -37.56 13.67
C HIS D 26 -29.23 -36.70 14.34
N MET D 27 -28.94 -35.57 13.75
CA MET D 27 -27.70 -34.85 14.02
C MET D 27 -27.99 -33.41 13.66
N LYS D 28 -27.50 -32.46 14.46
CA LYS D 28 -27.65 -31.03 14.16
C LYS D 28 -26.32 -30.46 13.70
N ILE D 29 -26.29 -29.87 12.51
CA ILE D 29 -25.10 -29.21 12.03
C ILE D 29 -25.39 -27.74 11.70
N LYS D 30 -24.36 -26.92 11.71
CA LYS D 30 -24.52 -25.54 11.33
C LYS D 30 -23.74 -25.24 10.04
N ILE D 31 -24.36 -24.44 9.18
CA ILE D 31 -23.74 -24.03 7.91
C ILE D 31 -23.58 -22.51 7.90
N VAL D 32 -22.32 -22.08 7.83
CA VAL D 32 -21.97 -20.66 7.83
C VAL D 32 -21.93 -20.22 6.36
N PRO D 33 -22.79 -19.27 5.97
CA PRO D 33 -22.63 -18.74 4.62
C PRO D 33 -21.36 -17.88 4.55
N ALA D 34 -20.52 -18.07 3.55
CA ALA D 34 -19.21 -17.40 3.52
C ALA D 34 -19.30 -15.91 3.25
N VAL D 35 -20.29 -15.49 2.46
CA VAL D 35 -20.42 -14.11 2.03
C VAL D 35 -21.71 -13.53 2.64
N GLY D 36 -21.61 -12.39 3.30
N GLY D 36 -21.62 -12.31 3.14
CA GLY D 36 -22.77 -11.61 3.72
CA GLY D 36 -22.75 -11.63 3.76
C GLY D 36 -23.26 -11.64 5.17
C GLY D 36 -22.81 -12.01 5.22
N GLY D 37 -22.72 -12.51 6.01
N GLY D 37 -23.68 -11.35 5.96
CA GLY D 37 -23.05 -12.52 7.45
CA GLY D 37 -23.71 -11.52 7.40
C GLY D 37 -24.51 -12.74 7.88
C GLY D 37 -24.80 -12.48 7.87
N GLY D 38 -25.31 -13.34 7.00
CA GLY D 38 -26.56 -14.02 7.37
C GLY D 38 -26.34 -15.03 8.50
N SER D 39 -27.35 -15.22 9.34
CA SER D 39 -27.23 -16.15 10.48
C SER D 39 -26.83 -17.53 9.97
N PRO D 40 -25.92 -18.22 10.68
CA PRO D 40 -25.68 -19.60 10.22
C PRO D 40 -26.97 -20.42 10.33
N LEU D 41 -27.18 -21.30 9.36
CA LEU D 41 -28.39 -22.10 9.27
C LEU D 41 -28.16 -23.41 10.02
N GLU D 42 -29.07 -23.76 10.91
CA GLU D 42 -28.94 -25.00 11.65
C GLU D 42 -29.85 -26.05 11.03
N LEU D 43 -29.29 -27.21 10.70
CA LEU D 43 -30.08 -28.27 10.06
C LEU D 43 -30.05 -29.58 10.81
N GLU D 44 -31.20 -30.25 10.85
CA GLU D 44 -31.29 -31.61 11.34
C GLU D 44 -31.02 -32.53 10.16
N VAL D 45 -29.94 -33.31 10.21
CA VAL D 45 -29.55 -34.20 9.09
C VAL D 45 -29.33 -35.63 9.58
N ALA D 46 -29.43 -36.58 8.66
CA ALA D 46 -29.11 -38.00 8.90
C ALA D 46 -27.65 -38.26 8.59
N PRO D 47 -26.96 -39.08 9.40
CA PRO D 47 -25.56 -39.40 9.05
C PRO D 47 -25.37 -39.99 7.64
N ASN D 48 -26.36 -40.76 7.15
CA ASN D 48 -26.24 -41.34 5.81
C ASN D 48 -26.59 -40.35 4.67
N ALA D 49 -26.87 -39.09 5.00
CA ALA D 49 -27.22 -38.08 4.00
C ALA D 49 -26.00 -37.73 3.20
N THR D 50 -26.18 -37.34 1.93
CA THR D 50 -25.07 -36.89 1.14
C THR D 50 -24.79 -35.43 1.45
N VAL D 51 -23.56 -35.01 1.21
CA VAL D 51 -23.22 -33.60 1.22
C VAL D 51 -24.14 -32.81 0.27
N GLY D 52 -24.46 -33.41 -0.88
CA GLY D 52 -25.31 -32.76 -1.84
C GLY D 52 -26.72 -32.49 -1.33
N ALA D 53 -27.27 -33.47 -0.61
CA ALA D 53 -28.59 -33.31 0.01
C ALA D 53 -28.59 -32.11 1.00
N VAL D 54 -27.53 -32.00 1.80
CA VAL D 54 -27.37 -30.86 2.73
C VAL D 54 -27.28 -29.56 1.95
N ARG D 55 -26.45 -29.55 0.89
CA ARG D 55 -26.23 -28.33 0.16
C ARG D 55 -27.50 -27.91 -0.55
N THR D 56 -28.25 -28.90 -1.04
CA THR D 56 -29.53 -28.62 -1.66
C THR D 56 -30.49 -27.88 -0.69
N LYS D 57 -30.56 -28.37 0.53
CA LYS D 57 -31.40 -27.78 1.56
C LYS D 57 -30.94 -26.35 1.87
N VAL D 58 -29.63 -26.15 2.01
CA VAL D 58 -29.06 -24.82 2.25
C VAL D 58 -29.42 -23.87 1.12
N CYS D 59 -29.20 -24.30 -0.12
CA CYS D 59 -29.55 -23.47 -1.25
C CYS D 59 -31.03 -23.13 -1.36
N ALA D 60 -31.91 -24.08 -1.03
CA ALA D 60 -33.35 -23.82 -1.03
C ALA D 60 -33.65 -22.75 0.04
N MET D 61 -33.12 -22.93 1.24
CA MET D 61 -33.43 -22.02 2.36
C MET D 61 -32.95 -20.60 2.05
N LYS D 62 -31.79 -20.50 1.43
CA LYS D 62 -31.18 -19.21 1.13
C LYS D 62 -31.54 -18.68 -0.26
N LYS D 63 -32.44 -19.38 -0.95
CA LYS D 63 -32.85 -18.98 -2.31
C LYS D 63 -31.68 -18.80 -3.27
N LEU D 64 -30.77 -19.77 -3.25
CA LEU D 64 -29.63 -19.80 -4.15
C LEU D 64 -29.88 -20.82 -5.25
N PRO D 65 -29.28 -20.63 -6.43
CA PRO D 65 -29.27 -21.68 -7.46
C PRO D 65 -28.47 -22.88 -6.95
N PRO D 66 -28.55 -24.02 -7.64
CA PRO D 66 -27.96 -25.25 -7.09
C PRO D 66 -26.50 -25.48 -7.46
N ASP D 67 -25.96 -24.72 -8.40
CA ASP D 67 -24.71 -25.07 -9.07
C ASP D 67 -23.60 -24.04 -8.90
N THR D 68 -23.67 -23.27 -7.82
CA THR D 68 -22.75 -22.17 -7.64
C THR D 68 -21.97 -22.19 -6.36
N THR D 69 -22.18 -23.20 -5.52
CA THR D 69 -21.60 -23.21 -4.20
C THR D 69 -21.00 -24.58 -3.89
N ARG D 70 -20.19 -24.62 -2.86
CA ARG D 70 -19.68 -25.87 -2.35
C ARG D 70 -19.70 -25.78 -0.84
N LEU D 71 -19.85 -26.92 -0.17
CA LEU D 71 -19.68 -26.97 1.28
C LEU D 71 -18.26 -27.36 1.64
N THR D 72 -17.74 -26.74 2.71
CA THR D 72 -16.40 -27.08 3.17
C THR D 72 -16.53 -27.55 4.61
N TYR D 73 -15.57 -28.35 5.04
CA TYR D 73 -15.63 -28.98 6.35
C TYR D 73 -14.21 -29.28 6.78
N LYS D 74 -13.84 -28.83 7.97
N LYS D 74 -13.89 -28.83 8.00
CA LYS D 74 -12.52 -29.14 8.55
CA LYS D 74 -12.52 -28.73 8.46
C LYS D 74 -11.40 -29.12 7.51
C LYS D 74 -11.77 -27.85 7.47
N GLY D 75 -11.26 -28.00 6.81
N GLY D 75 -10.77 -28.42 6.83
CA GLY D 75 -10.10 -27.75 5.96
CA GLY D 75 -9.99 -27.69 5.86
C GLY D 75 -10.13 -28.26 4.52
C GLY D 75 -10.10 -28.24 4.45
N ARG D 76 -11.29 -28.65 4.02
CA ARG D 76 -11.45 -29.02 2.61
C ARG D 76 -12.87 -28.92 2.08
N ALA D 77 -12.94 -28.66 0.77
CA ALA D 77 -14.19 -28.63 0.08
C ALA D 77 -14.72 -30.05 -0.04
N LEU D 78 -16.03 -30.19 0.07
CA LEU D 78 -16.66 -31.49 0.04
C LEU D 78 -17.26 -31.77 -1.33
N LYS D 79 -17.17 -33.01 -1.79
CA LYS D 79 -17.92 -33.43 -2.98
C LYS D 79 -19.35 -33.72 -2.57
N ASP D 80 -20.31 -33.33 -3.40
CA ASP D 80 -21.73 -33.56 -3.10
C ASP D 80 -22.09 -35.05 -2.95
N THR D 81 -21.27 -35.95 -3.48
CA THR D 81 -21.55 -37.37 -3.47
C THR D 81 -21.04 -38.07 -2.20
N GLU D 82 -20.22 -37.41 -1.39
CA GLU D 82 -19.76 -38.00 -0.12
C GLU D 82 -20.91 -37.97 0.88
N THR D 83 -20.95 -38.94 1.81
CA THR D 83 -21.90 -38.94 2.91
C THR D 83 -21.30 -38.27 4.13
N LEU D 84 -22.16 -37.81 5.02
CA LEU D 84 -21.74 -37.16 6.24
C LEU D 84 -20.98 -38.15 7.12
N GLU D 85 -21.54 -39.34 7.28
CA GLU D 85 -20.88 -40.37 8.07
C GLU D 85 -19.50 -40.76 7.51
N SER D 86 -19.31 -40.69 6.19
CA SER D 86 -17.99 -40.95 5.60
C SER D 86 -16.94 -39.93 6.04
N LEU D 87 -17.40 -38.75 6.43
CA LEU D 87 -16.52 -37.68 6.87
C LEU D 87 -16.35 -37.62 8.38
N GLY D 88 -16.92 -38.59 9.09
CA GLY D 88 -16.91 -38.59 10.56
C GLY D 88 -17.66 -37.42 11.14
N VAL D 89 -18.65 -36.92 10.41
CA VAL D 89 -19.39 -35.74 10.85
C VAL D 89 -20.18 -36.08 12.09
N ALA D 90 -20.05 -35.24 13.12
CA ALA D 90 -20.80 -35.43 14.35
C ALA D 90 -21.67 -34.21 14.62
N ASP D 91 -22.58 -34.40 15.57
CA ASP D 91 -23.50 -33.38 16.06
C ASP D 91 -22.73 -32.14 16.51
N GLY D 92 -23.21 -30.96 16.10
CA GLY D 92 -22.57 -29.70 16.47
C GLY D 92 -21.57 -29.18 15.46
N ASP D 93 -21.15 -30.01 14.51
CA ASP D 93 -20.12 -29.63 13.54
C ASP D 93 -20.58 -28.50 12.64
N LYS D 94 -19.60 -27.77 12.11
CA LYS D 94 -19.85 -26.61 11.29
C LYS D 94 -19.29 -26.81 9.90
N PHE D 95 -19.98 -26.20 8.93
CA PHE D 95 -19.58 -26.22 7.54
C PHE D 95 -19.65 -24.79 7.02
N VAL D 96 -18.82 -24.45 6.06
CA VAL D 96 -18.96 -23.15 5.38
C VAL D 96 -19.46 -23.34 3.97
N LEU D 97 -20.43 -22.53 3.56
CA LEU D 97 -20.89 -22.54 2.19
C LEU D 97 -20.08 -21.47 1.40
N ILE D 98 -19.25 -21.93 0.50
CA ILE D 98 -18.37 -21.05 -0.27
C ILE D 98 -18.82 -20.96 -1.73
N THR D 99 -18.25 -19.99 -2.42
CA THR D 99 -18.40 -19.80 -3.86
C THR D 99 -17.01 -19.42 -4.38
N ARG D 100 -16.77 -19.64 -5.68
CA ARG D 100 -15.46 -19.52 -6.27
C ARG D 100 -15.08 -18.05 -6.34
N THR D 101 -13.79 -17.74 -6.22
CA THR D 101 -13.31 -16.35 -6.38
C THR D 101 -12.29 -16.37 -7.50
N VAL D 102 -12.73 -16.01 -8.71
CA VAL D 102 -11.95 -16.15 -9.92
C VAL D 102 -12.12 -14.87 -10.71
N GLY D 103 -11.00 -14.29 -11.13
CA GLY D 103 -10.99 -13.10 -11.95
C GLY D 103 -10.32 -13.30 -13.27
N GLY D 104 -10.47 -12.32 -14.13
CA GLY D 104 -9.85 -12.31 -15.44
C GLY D 104 -9.61 -10.87 -15.83
ZN ZN E . 2.35 19.65 4.25
S SO4 F . 21.47 18.87 -9.79
O1 SO4 F . 22.27 19.65 -10.74
O2 SO4 F . 20.21 18.40 -10.45
O3 SO4 F . 22.22 17.64 -9.41
O4 SO4 F . 21.23 19.73 -8.57
S SO4 G . -17.48 -23.27 -12.14
O1 SO4 G . -16.10 -23.73 -12.42
O2 SO4 G . -18.41 -23.88 -13.11
O3 SO4 G . -17.52 -21.80 -12.22
O4 SO4 G . -17.86 -23.67 -10.77
ZN ZN H . -11.21 -9.01 -14.34
#